data_5EWH
#
_entry.id   5EWH
#
_cell.length_a   60.440
_cell.length_b   60.440
_cell.length_c   62.680
_cell.angle_alpha   90.00
_cell.angle_beta   90.00
_cell.angle_gamma   120.00
#
_symmetry.space_group_name_H-M   'P 32 2 1'
#
loop_
_entity.id
_entity.type
_entity.pdbx_description
1 polymer Peregrin
2 non-polymer isoquinolin-5-ol
3 non-polymer 'NITRATE ION'
4 water water
#
_entity_poly.entity_id   1
_entity_poly.type   'polypeptide(L)'
_entity_poly.pdbx_seq_one_letter_code
;SMEMQLTPFLILLRKTLEQLQEKDTGNIFSEPVPLSEVPDYLDHIKKPMDFFTMKQNLEAYRYLNFDDFEEDFNLIVSNC
LKYNAKDTIFYRAAVRLREQGGAVLRQARRQAEKMG
;
_entity_poly.pdbx_strand_id   A
#
# COMPACT_ATOMS: atom_id res chain seq x y z
N GLU A 3 -13.53 7.74 -17.02
CA GLU A 3 -14.66 7.31 -17.84
C GLU A 3 -14.62 5.80 -18.06
N MET A 4 -14.97 5.04 -17.01
CA MET A 4 -14.93 3.59 -17.06
C MET A 4 -16.02 3.02 -16.17
N GLN A 5 -16.18 1.71 -16.23
CA GLN A 5 -17.15 1.02 -15.37
C GLN A 5 -16.50 0.69 -14.03
N LEU A 6 -17.30 0.75 -12.97
CA LEU A 6 -16.77 0.60 -11.61
C LEU A 6 -16.30 -0.83 -11.36
N THR A 7 -17.11 -1.82 -11.72
CA THR A 7 -16.80 -3.20 -11.34
C THR A 7 -15.46 -3.70 -11.88
N PRO A 8 -15.12 -3.56 -13.16
CA PRO A 8 -13.79 -4.02 -13.61
C PRO A 8 -12.66 -3.29 -12.94
N PHE A 9 -12.86 -2.02 -12.60
CA PHE A 9 -11.81 -1.26 -11.93
C PHE A 9 -11.57 -1.80 -10.53
N LEU A 10 -12.62 -2.15 -9.79
CA LEU A 10 -12.42 -2.67 -8.45
C LEU A 10 -11.83 -4.07 -8.49
N ILE A 11 -12.20 -4.87 -9.50
CA ILE A 11 -11.54 -6.16 -9.69
C ILE A 11 -10.05 -5.96 -9.92
N LEU A 12 -9.68 -4.96 -10.71
CA LEU A 12 -8.26 -4.69 -10.96
C LEU A 12 -7.56 -4.28 -9.68
N LEU A 13 -8.19 -3.41 -8.89
CA LEU A 13 -7.53 -2.99 -7.66
C LEU A 13 -7.38 -4.15 -6.69
N ARG A 14 -8.36 -5.06 -6.64
CA ARG A 14 -8.25 -6.21 -5.75
C ARG A 14 -7.07 -7.08 -6.14
N LYS A 15 -6.94 -7.36 -7.43
CA LYS A 15 -5.80 -8.13 -7.93
C LYS A 15 -4.49 -7.42 -7.66
N THR A 16 -4.45 -6.11 -7.88
CA THR A 16 -3.23 -5.35 -7.66
C THR A 16 -2.84 -5.37 -6.19
N LEU A 17 -3.82 -5.22 -5.30
CA LEU A 17 -3.52 -5.25 -3.86
C LEU A 17 -2.97 -6.61 -3.45
N GLU A 18 -3.52 -7.68 -4.04
CA GLU A 18 -3.00 -9.01 -3.71
C GLU A 18 -1.56 -9.16 -4.18
N GLN A 19 -1.24 -8.60 -5.36
CA GLN A 19 0.14 -8.69 -5.88
C GLN A 19 1.08 -7.87 -5.01
N LEU A 20 0.63 -6.72 -4.52
CA LEU A 20 1.48 -5.95 -3.64
C LEU A 20 1.70 -6.67 -2.32
N GLN A 21 0.66 -7.31 -1.79
CA GLN A 21 0.84 -8.02 -0.54
C GLN A 21 1.80 -9.19 -0.72
N GLU A 22 1.82 -9.80 -1.91
CA GLU A 22 2.76 -10.88 -2.17
C GLU A 22 4.21 -10.42 -2.07
N LYS A 23 4.48 -9.15 -2.39
CA LYS A 23 5.86 -8.67 -2.31
C LYS A 23 6.31 -8.46 -0.88
N ASP A 24 5.37 -8.23 0.03
CA ASP A 24 5.64 -8.08 1.46
C ASP A 24 5.64 -9.47 2.07
N THR A 25 6.77 -10.18 1.90
CA THR A 25 6.81 -11.59 2.22
C THR A 25 6.78 -11.84 3.72
N GLY A 26 7.32 -10.91 4.51
CA GLY A 26 7.21 -11.03 5.94
C GLY A 26 5.89 -10.58 6.52
N ASN A 27 4.98 -10.12 5.66
CA ASN A 27 3.68 -9.61 6.08
C ASN A 27 3.83 -8.52 7.14
N ILE A 28 4.89 -7.71 7.03
CA ILE A 28 5.08 -6.69 8.05
C ILE A 28 4.15 -5.50 7.85
N PHE A 29 3.54 -5.38 6.67
CA PHE A 29 2.59 -4.32 6.38
C PHE A 29 1.16 -4.82 6.23
N SER A 30 0.89 -6.06 6.65
CA SER A 30 -0.44 -6.62 6.42
CA SER A 30 -0.43 -6.64 6.44
C SER A 30 -1.48 -6.01 7.35
N GLU A 31 -1.08 -5.53 8.51
CA GLU A 31 -1.99 -4.99 9.51
C GLU A 31 -1.41 -3.68 10.05
N PRO A 32 -2.23 -2.87 10.72
CA PRO A 32 -1.70 -1.63 11.28
C PRO A 32 -0.50 -1.88 12.18
N VAL A 33 0.44 -0.93 12.19
CA VAL A 33 1.53 -0.97 13.14
C VAL A 33 0.93 -1.03 14.54
N PRO A 34 1.28 -2.05 15.35
CA PRO A 34 0.65 -2.20 16.67
C PRO A 34 1.12 -1.15 17.66
N LEU A 35 0.27 -0.15 17.93
CA LEU A 35 0.66 0.94 18.81
C LEU A 35 0.99 0.44 20.21
N SER A 36 0.40 -0.68 20.62
CA SER A 36 0.70 -1.22 21.95
C SER A 36 2.16 -1.61 22.09
N GLU A 37 2.80 -1.99 20.99
CA GLU A 37 4.22 -2.35 21.01
C GLU A 37 5.12 -1.24 20.50
N VAL A 38 4.57 -0.24 19.83
CA VAL A 38 5.33 0.91 19.35
C VAL A 38 4.66 2.17 19.89
N PRO A 39 4.80 2.47 21.19
CA PRO A 39 4.01 3.55 21.78
C PRO A 39 4.28 4.94 21.20
N ASP A 40 5.46 5.18 20.63
CA ASP A 40 5.81 6.50 20.11
C ASP A 40 5.51 6.65 18.63
N TYR A 41 4.90 5.64 18.01
CA TYR A 41 4.74 5.63 16.56
C TYR A 41 4.01 6.87 16.05
N LEU A 42 2.96 7.29 16.75
CA LEU A 42 2.15 8.39 16.24
C LEU A 42 2.76 9.76 16.50
N ASP A 43 3.89 9.83 17.21
CA ASP A 43 4.54 11.11 17.47
C ASP A 43 4.79 11.89 16.20
N HIS A 44 5.27 11.21 15.15
CA HIS A 44 5.56 11.88 13.89
C HIS A 44 4.97 11.19 12.67
N ILE A 45 4.20 10.13 12.86
CA ILE A 45 3.47 9.48 11.77
C ILE A 45 2.03 10.01 11.81
N LYS A 46 1.69 10.88 10.87
CA LYS A 46 0.39 11.54 10.95
C LYS A 46 -0.74 10.73 10.36
N LYS A 47 -0.45 9.79 9.46
CA LYS A 47 -1.49 8.92 8.90
C LYS A 47 -0.96 7.52 8.70
N PRO A 48 -1.12 6.65 9.71
CA PRO A 48 -0.74 5.25 9.54
C PRO A 48 -1.47 4.62 8.36
N MET A 49 -0.84 3.61 7.77
CA MET A 49 -1.50 2.88 6.69
C MET A 49 -0.93 1.47 6.63
N ASP A 50 -1.73 0.56 6.08
CA ASP A 50 -1.41 -0.85 6.00
C ASP A 50 -2.33 -1.50 4.97
N PHE A 51 -2.02 -2.74 4.62
CA PHE A 51 -2.76 -3.41 3.55
C PHE A 51 -4.17 -3.80 3.96
N PHE A 52 -4.39 -4.11 5.24
CA PHE A 52 -5.73 -4.44 5.68
C PHE A 52 -6.64 -3.21 5.59
N THR A 53 -6.15 -2.06 6.05
CA THR A 53 -6.91 -0.83 5.90
C THR A 53 -7.17 -0.52 4.42
N MET A 54 -6.15 -0.72 3.57
CA MET A 54 -6.35 -0.51 2.14
C MET A 54 -7.48 -1.38 1.61
N LYS A 55 -7.53 -2.65 2.04
CA LYS A 55 -8.60 -3.54 1.62
C LYS A 55 -9.97 -3.02 2.05
N GLN A 56 -10.08 -2.51 3.28
N GLN A 56 -10.07 -2.53 3.29
CA GLN A 56 -11.36 -1.99 3.74
CA GLN A 56 -11.33 -1.97 3.76
C GLN A 56 -11.75 -0.72 2.98
C GLN A 56 -11.73 -0.74 2.95
N ASN A 57 -10.77 0.13 2.67
CA ASN A 57 -11.05 1.32 1.86
C ASN A 57 -11.51 0.92 0.47
N LEU A 58 -10.83 -0.03 -0.15
CA LEU A 58 -11.22 -0.54 -1.46
C LEU A 58 -12.68 -0.98 -1.46
N GLU A 59 -13.04 -1.82 -0.49
CA GLU A 59 -14.40 -2.36 -0.46
C GLU A 59 -15.44 -1.33 -0.05
N ALA A 60 -15.03 -0.26 0.64
CA ALA A 60 -15.94 0.83 0.97
C ALA A 60 -16.09 1.82 -0.17
N TYR A 61 -15.53 1.52 -1.33
CA TYR A 61 -15.57 2.37 -2.51
C TYR A 61 -14.85 3.70 -2.29
N ARG A 62 -13.76 3.69 -1.51
CA ARG A 62 -12.99 4.91 -1.31
C ARG A 62 -11.95 5.13 -2.39
N TYR A 63 -11.66 4.14 -3.20
CA TYR A 63 -10.65 4.23 -4.26
C TYR A 63 -11.39 4.22 -5.58
N LEU A 64 -11.52 5.39 -6.20
CA LEU A 64 -12.24 5.51 -7.47
C LEU A 64 -11.32 5.87 -8.62
N ASN A 65 -10.05 6.12 -8.35
CA ASN A 65 -9.05 6.27 -9.39
C ASN A 65 -7.78 5.63 -8.89
N PHE A 66 -6.85 5.39 -9.81
CA PHE A 66 -5.63 4.71 -9.41
C PHE A 66 -4.83 5.51 -8.40
N ASP A 67 -4.81 6.84 -8.54
CA ASP A 67 -4.05 7.67 -7.60
C ASP A 67 -4.52 7.48 -6.17
N ASP A 68 -5.84 7.37 -5.95
CA ASP A 68 -6.37 7.15 -4.61
C ASP A 68 -5.72 5.94 -3.97
N PHE A 69 -5.60 4.87 -4.76
CA PHE A 69 -5.06 3.60 -4.30
C PHE A 69 -3.56 3.68 -4.11
N GLU A 70 -2.87 4.22 -5.13
CA GLU A 70 -1.42 4.29 -5.09
C GLU A 70 -0.92 5.21 -3.97
N GLU A 71 -1.66 6.27 -3.66
CA GLU A 71 -1.22 7.17 -2.58
C GLU A 71 -1.19 6.44 -1.23
N ASP A 72 -2.16 5.57 -0.98
CA ASP A 72 -2.16 4.85 0.29
C ASP A 72 -1.06 3.81 0.33
N PHE A 73 -0.79 3.15 -0.80
CA PHE A 73 0.39 2.28 -0.87
C PHE A 73 1.66 3.08 -0.58
N ASN A 74 1.78 4.27 -1.16
CA ASN A 74 2.98 5.06 -0.93
C ASN A 74 3.12 5.47 0.53
N LEU A 75 1.99 5.62 1.25
CA LEU A 75 2.03 5.92 2.69
C LEU A 75 2.63 4.76 3.48
N ILE A 76 2.28 3.52 3.11
CA ILE A 76 2.86 2.36 3.79
C ILE A 76 4.37 2.44 3.72
N VAL A 77 4.88 2.71 2.51
CA VAL A 77 6.31 2.79 2.28
C VAL A 77 6.90 3.98 3.03
N SER A 78 6.33 5.17 2.84
CA SER A 78 6.95 6.38 3.38
CA SER A 78 6.96 6.37 3.38
C SER A 78 6.91 6.41 4.90
N ASN A 79 5.81 5.91 5.50
CA ASN A 79 5.74 5.86 6.95
C ASN A 79 6.87 5.01 7.52
N CYS A 80 7.17 3.91 6.83
CA CYS A 80 8.15 2.93 7.31
C CYS A 80 9.57 3.46 7.14
N LEU A 81 9.84 4.12 6.00
CA LEU A 81 11.12 4.81 5.85
C LEU A 81 11.27 5.89 6.91
N LYS A 82 10.18 6.60 7.24
CA LYS A 82 10.30 7.68 8.21
C LYS A 82 10.59 7.16 9.61
N TYR A 83 9.84 6.14 10.04
CA TYR A 83 9.89 5.74 11.44
C TYR A 83 11.17 4.99 11.78
N ASN A 84 11.64 4.14 10.87
CA ASN A 84 12.67 3.18 11.20
C ASN A 84 14.03 3.66 10.73
N ALA A 85 15.06 3.31 11.51
CA ALA A 85 16.42 3.68 11.15
C ALA A 85 16.84 2.93 9.89
N LYS A 86 17.81 3.52 9.18
CA LYS A 86 18.21 2.98 7.88
C LYS A 86 18.84 1.60 8.01
N ASP A 87 19.45 1.29 9.16
CA ASP A 87 20.13 0.02 9.31
C ASP A 87 19.22 -1.11 9.76
N THR A 88 17.91 -0.97 9.60
CA THR A 88 16.98 -1.98 10.08
C THR A 88 16.39 -2.77 8.93
N ILE A 89 15.93 -3.98 9.24
CA ILE A 89 15.21 -4.77 8.25
C ILE A 89 13.94 -4.06 7.82
N PHE A 90 13.24 -3.40 8.75
CA PHE A 90 12.01 -2.71 8.41
C PHE A 90 12.25 -1.64 7.36
N TYR A 91 13.28 -0.80 7.55
CA TYR A 91 13.57 0.22 6.55
C TYR A 91 13.87 -0.41 5.20
N ARG A 92 14.72 -1.45 5.19
CA ARG A 92 15.06 -2.06 3.90
C ARG A 92 13.87 -2.76 3.28
N ALA A 93 12.94 -3.28 4.10
CA ALA A 93 11.72 -3.88 3.55
C ALA A 93 10.86 -2.86 2.83
N ALA A 94 10.82 -1.63 3.35
CA ALA A 94 10.07 -0.59 2.66
C ALA A 94 10.74 -0.22 1.33
N VAL A 95 12.07 -0.19 1.30
CA VAL A 95 12.76 0.08 0.04
C VAL A 95 12.42 -1.01 -0.97
N ARG A 96 12.47 -2.26 -0.53
CA ARG A 96 12.20 -3.37 -1.43
C ARG A 96 10.76 -3.32 -1.92
N LEU A 97 9.83 -3.02 -1.01
CA LEU A 97 8.42 -2.91 -1.41
C LEU A 97 8.22 -1.76 -2.39
N ARG A 98 8.89 -0.62 -2.16
CA ARG A 98 8.78 0.48 -3.11
C ARG A 98 9.24 0.05 -4.50
N GLU A 99 10.36 -0.68 -4.56
CA GLU A 99 10.92 -1.09 -5.85
C GLU A 99 10.06 -2.14 -6.51
N GLN A 100 9.80 -3.24 -5.80
CA GLN A 100 9.01 -4.32 -6.39
C GLN A 100 7.57 -3.90 -6.62
N GLY A 101 7.02 -3.09 -5.70
CA GLY A 101 5.65 -2.65 -5.85
C GLY A 101 5.45 -1.65 -6.96
N GLY A 102 6.45 -0.82 -7.23
CA GLY A 102 6.36 0.13 -8.33
C GLY A 102 6.07 -0.51 -9.67
N ALA A 103 6.75 -1.64 -9.96
CA ALA A 103 6.51 -2.32 -11.22
C ALA A 103 5.10 -2.89 -11.29
N VAL A 104 4.62 -3.43 -10.16
CA VAL A 104 3.25 -3.92 -10.09
C VAL A 104 2.27 -2.79 -10.38
N LEU A 105 2.55 -1.61 -9.82
CA LEU A 105 1.64 -0.48 -9.98
C LEU A 105 1.64 0.05 -11.41
N ARG A 106 2.82 0.13 -12.04
N ARG A 106 2.82 0.11 -12.04
CA ARG A 106 2.87 0.63 -13.41
CA ARG A 106 2.88 0.63 -13.41
C ARG A 106 2.06 -0.25 -14.34
C ARG A 106 2.09 -0.26 -14.35
N GLN A 107 2.21 -1.57 -14.20
CA GLN A 107 1.46 -2.50 -15.04
C GLN A 107 -0.04 -2.39 -14.78
N ALA A 108 -0.43 -2.28 -13.51
CA ALA A 108 -1.84 -2.18 -13.19
C ALA A 108 -2.43 -0.87 -13.70
N ARG A 109 -1.65 0.21 -13.65
CA ARG A 109 -2.18 1.49 -14.14
C ARG A 109 -2.36 1.46 -15.65
N ARG A 110 -1.46 0.79 -16.37
N ARG A 110 -1.50 0.76 -16.38
CA ARG A 110 -1.67 0.60 -17.80
CA ARG A 110 -1.71 0.66 -17.82
C ARG A 110 -3.01 -0.07 -18.08
C ARG A 110 -2.93 -0.18 -18.18
N GLN A 111 -3.35 -1.10 -17.30
CA GLN A 111 -4.62 -1.80 -17.49
C GLN A 111 -5.80 -0.89 -17.24
N ALA A 112 -5.74 -0.09 -16.17
CA ALA A 112 -6.83 0.84 -15.88
C ALA A 112 -7.01 1.84 -17.01
N GLU A 113 -5.91 2.26 -17.65
CA GLU A 113 -6.01 3.22 -18.74
C GLU A 113 -6.65 2.64 -19.99
N LYS A 114 -6.69 1.30 -20.12
CA LYS A 114 -7.41 0.67 -21.21
C LYS A 114 -8.91 0.62 -20.96
N MET A 115 -9.36 1.01 -19.77
CA MET A 115 -10.77 0.96 -19.41
C MET A 115 -11.47 2.26 -19.77
#